data_1QNX
#
_entry.id   1QNX
#
_cell.length_a   45.359
_cell.length_b   62.179
_cell.length_c   82.777
_cell.angle_alpha   90.00
_cell.angle_beta   90.00
_cell.angle_gamma   90.00
#
_symmetry.space_group_name_H-M   'P 21 21 21'
#
loop_
_entity.id
_entity.type
_entity.pdbx_description
1 polymer 'VES V 5'
2 non-polymer 'SODIUM ION'
3 water water
#
_entity_poly.entity_id   1
_entity_poly.type   'polypeptide(L)'
_entity_poly.pdbx_seq_one_letter_code
;AEAEFNNYCKIKCLKGGVHTACKYGSLKPNCGNKVVVSYGLTKQEKQDILKEHNDFRQKIARGLETRGNPGPQPPAKNMK
NLVWNDELAYVAQVWANQCQYGHDTCRDVAKYQVGQNVALTGSTAAKYDDPVKLVKMWEDEVKDYNPKKKFSGNDFLKTG
HYTQMVWANTKEVGCGSIKYIQEKWHKHYLVCNYGPSGNFKNEELYQTK
;
_entity_poly.pdbx_strand_id   A
#
# COMPACT_ATOMS: atom_id res chain seq x y z
N ALA A 1 11.95 -9.76 9.69
CA ALA A 1 11.20 -11.04 9.78
C ALA A 1 10.90 -11.35 11.23
N GLU A 2 11.46 -10.53 12.12
CA GLU A 2 11.28 -10.69 13.56
C GLU A 2 9.79 -10.72 13.94
N ALA A 3 8.97 -10.01 13.17
CA ALA A 3 7.54 -9.94 13.45
C ALA A 3 6.84 -11.28 13.39
N GLU A 4 7.43 -12.23 12.68
CA GLU A 4 6.81 -13.54 12.55
C GLU A 4 6.64 -14.17 13.93
N PHE A 5 7.43 -13.72 14.90
CA PHE A 5 7.36 -14.27 16.25
C PHE A 5 6.35 -13.59 17.16
N ASN A 6 5.57 -12.67 16.61
CA ASN A 6 4.51 -12.01 17.36
C ASN A 6 3.29 -12.90 17.18
N ASN A 7 2.46 -13.03 18.21
CA ASN A 7 1.26 -13.85 18.08
C ASN A 7 0.11 -13.00 17.60
N TYR A 8 -0.06 -12.97 16.28
CA TYR A 8 -1.11 -12.18 15.64
C TYR A 8 -2.51 -12.76 15.85
N CYS A 9 -2.57 -13.98 16.37
CA CYS A 9 -3.85 -14.61 16.62
C CYS A 9 -4.62 -13.90 17.74
N LYS A 10 -3.93 -13.00 18.44
CA LYS A 10 -4.55 -12.24 19.52
C LYS A 10 -5.00 -10.86 19.05
N ILE A 11 -4.66 -10.51 17.81
CA ILE A 11 -5.04 -9.23 17.25
C ILE A 11 -6.50 -9.28 16.82
N LYS A 12 -7.23 -8.21 17.05
CA LYS A 12 -8.63 -8.15 16.65
C LYS A 12 -8.88 -6.91 15.80
N CYS A 13 -9.31 -7.11 14.56
CA CYS A 13 -9.58 -5.98 13.68
C CYS A 13 -11.00 -5.48 13.87
N LEU A 14 -11.19 -4.18 13.71
CA LEU A 14 -12.49 -3.54 13.86
C LEU A 14 -13.64 -4.31 13.22
N LYS A 15 -13.47 -4.72 11.96
CA LYS A 15 -14.53 -5.45 11.27
C LYS A 15 -14.37 -6.97 11.39
N GLY A 16 -13.56 -7.40 12.36
CA GLY A 16 -13.36 -8.83 12.56
C GLY A 16 -12.49 -9.51 11.52
N GLY A 17 -12.50 -10.84 11.52
CA GLY A 17 -11.69 -11.60 10.59
C GLY A 17 -10.42 -12.10 11.25
N VAL A 18 -9.91 -13.25 10.82
CA VAL A 18 -8.69 -13.78 11.42
C VAL A 18 -7.48 -13.08 10.81
N HIS A 19 -6.59 -12.58 11.66
CA HIS A 19 -5.41 -11.87 11.18
C HIS A 19 -4.61 -12.70 10.20
N THR A 20 -4.18 -12.04 9.13
CA THR A 20 -3.40 -12.64 8.06
C THR A 20 -2.18 -13.44 8.55
N ALA A 21 -1.46 -12.88 9.52
CA ALA A 21 -0.29 -13.54 10.08
C ALA A 21 -0.66 -14.65 11.06
N CYS A 22 -1.96 -14.82 11.31
CA CYS A 22 -2.43 -15.91 12.17
C CYS A 22 -2.89 -17.01 11.22
N LYS A 23 -3.50 -16.60 10.12
CA LYS A 23 -3.97 -17.54 9.09
C LYS A 23 -2.78 -18.27 8.49
N TYR A 24 -1.73 -17.50 8.21
CA TYR A 24 -0.52 -18.04 7.60
C TYR A 24 0.67 -17.73 8.51
N GLY A 25 1.16 -18.75 9.21
CA GLY A 25 2.29 -18.54 10.11
C GLY A 25 3.61 -18.82 9.41
N SER A 26 3.58 -18.81 8.09
CA SER A 26 4.77 -19.06 7.30
C SER A 26 5.11 -17.86 6.43
N LEU A 27 6.40 -17.72 6.13
CA LEU A 27 6.89 -16.63 5.30
C LEU A 27 7.28 -17.23 3.94
N LYS A 28 6.67 -18.36 3.63
CA LYS A 28 6.94 -19.07 2.37
C LYS A 28 5.74 -18.97 1.43
N PRO A 29 5.98 -18.53 0.20
CA PRO A 29 4.89 -18.39 -0.78
C PRO A 29 3.96 -19.60 -0.75
N ASN A 30 2.67 -19.33 -0.86
CA ASN A 30 1.67 -20.38 -0.86
C ASN A 30 0.69 -20.12 -2.00
N CYS A 31 1.23 -20.16 -3.21
CA CYS A 31 0.45 -19.88 -4.41
C CYS A 31 0.11 -21.15 -5.18
N GLY A 32 -1.08 -21.67 -4.94
CA GLY A 32 -1.55 -22.89 -5.60
C GLY A 32 -0.65 -23.51 -6.64
N ASN A 33 -1.10 -23.48 -7.89
CA ASN A 33 -0.35 -24.06 -9.00
C ASN A 33 0.42 -22.99 -9.75
N LYS A 34 0.39 -21.76 -9.24
CA LYS A 34 1.09 -20.66 -9.87
C LYS A 34 2.58 -20.92 -9.68
N VAL A 35 3.39 -20.48 -10.64
CA VAL A 35 4.82 -20.67 -10.53
C VAL A 35 5.44 -19.42 -9.93
N VAL A 36 5.91 -19.51 -8.69
CA VAL A 36 6.51 -18.34 -8.05
C VAL A 36 7.94 -18.15 -8.54
N VAL A 37 8.19 -16.99 -9.15
CA VAL A 37 9.51 -16.67 -9.69
C VAL A 37 10.43 -16.16 -8.59
N SER A 38 9.90 -15.31 -7.74
CA SER A 38 10.67 -14.76 -6.64
C SER A 38 9.73 -13.97 -5.75
N TYR A 39 10.16 -13.69 -4.53
CA TYR A 39 9.32 -12.92 -3.63
C TYR A 39 10.20 -12.09 -2.73
N GLY A 40 9.63 -11.02 -2.18
CA GLY A 40 10.39 -10.15 -1.30
C GLY A 40 10.93 -8.93 -2.01
N LEU A 41 11.50 -8.01 -1.22
CA LEU A 41 12.06 -6.78 -1.75
C LEU A 41 13.51 -6.64 -1.26
N THR A 42 14.37 -6.12 -2.12
CA THR A 42 15.78 -5.91 -1.76
C THR A 42 15.85 -4.65 -0.91
N LYS A 43 16.97 -4.47 -0.21
CA LYS A 43 17.15 -3.28 0.62
C LYS A 43 16.94 -2.03 -0.23
N GLN A 44 17.50 -2.05 -1.45
CA GLN A 44 17.38 -0.91 -2.35
C GLN A 44 15.95 -0.68 -2.83
N GLU A 45 15.23 -1.76 -3.12
CA GLU A 45 13.85 -1.63 -3.58
C GLU A 45 12.97 -0.99 -2.49
N LYS A 46 13.17 -1.42 -1.25
CA LYS A 46 12.42 -0.89 -0.13
C LYS A 46 12.69 0.60 -0.01
N GLN A 47 13.96 0.99 -0.16
CA GLN A 47 14.34 2.38 -0.07
C GLN A 47 13.74 3.17 -1.22
N ASP A 48 13.71 2.57 -2.41
CA ASP A 48 13.17 3.24 -3.57
C ASP A 48 11.68 3.46 -3.41
N ILE A 49 10.99 2.49 -2.84
CA ILE A 49 9.56 2.58 -2.62
C ILE A 49 9.28 3.69 -1.60
N LEU A 50 10.04 3.69 -0.52
CA LEU A 50 9.87 4.71 0.51
C LEU A 50 10.09 6.10 -0.09
N LYS A 51 11.18 6.27 -0.82
CA LYS A 51 11.51 7.56 -1.42
C LYS A 51 10.40 8.03 -2.37
N GLU A 52 9.84 7.10 -3.15
CA GLU A 52 8.78 7.49 -4.07
C GLU A 52 7.57 7.97 -3.28
N HIS A 53 7.20 7.25 -2.22
CA HIS A 53 6.08 7.67 -1.39
C HIS A 53 6.34 9.05 -0.82
N ASN A 54 7.55 9.26 -0.30
CA ASN A 54 7.87 10.56 0.28
C ASN A 54 8.02 11.68 -0.72
N ASP A 55 8.60 11.39 -1.89
CA ASP A 55 8.75 12.44 -2.90
C ASP A 55 7.36 12.86 -3.31
N PHE A 56 6.44 11.91 -3.38
CA PHE A 56 5.07 12.23 -3.78
C PHE A 56 4.36 13.06 -2.71
N ARG A 57 4.43 12.62 -1.45
CA ARG A 57 3.78 13.35 -0.37
C ARG A 57 4.28 14.80 -0.34
N GLN A 58 5.58 14.99 -0.50
CA GLN A 58 6.15 16.33 -0.50
C GLN A 58 5.74 17.16 -1.70
N LYS A 59 5.62 16.51 -2.87
CA LYS A 59 5.19 17.22 -4.07
C LYS A 59 3.81 17.82 -3.79
N ILE A 60 2.92 16.97 -3.27
CA ILE A 60 1.56 17.37 -2.94
C ILE A 60 1.57 18.48 -1.90
N ALA A 61 2.29 18.23 -0.80
CA ALA A 61 2.38 19.18 0.30
C ALA A 61 2.90 20.56 -0.10
N ARG A 62 3.79 20.61 -1.09
CA ARG A 62 4.34 21.88 -1.53
C ARG A 62 3.45 22.57 -2.56
N GLY A 63 2.31 21.98 -2.86
CA GLY A 63 1.38 22.55 -3.81
C GLY A 63 1.85 22.40 -5.25
N LEU A 64 2.74 21.44 -5.48
CA LEU A 64 3.31 21.18 -6.79
C LEU A 64 2.59 20.16 -7.66
N GLU A 65 1.52 19.56 -7.16
CA GLU A 65 0.77 18.60 -7.96
C GLU A 65 -0.37 19.32 -8.70
N THR A 66 -0.18 19.53 -10.00
CA THR A 66 -1.16 20.23 -10.82
C THR A 66 -2.38 19.41 -11.21
N ARG A 67 -2.22 18.08 -11.21
CA ARG A 67 -3.30 17.18 -11.58
C ARG A 67 -4.43 17.11 -10.55
N GLY A 68 -5.66 16.93 -11.04
CA GLY A 68 -6.82 16.83 -10.17
C GLY A 68 -8.09 16.98 -10.96
N ASN A 69 -9.25 16.89 -10.32
CA ASN A 69 -10.51 17.04 -11.05
C ASN A 69 -11.44 18.01 -10.32
N PRO A 70 -11.12 19.31 -10.35
CA PRO A 70 -9.95 19.87 -11.04
C PRO A 70 -8.71 20.03 -10.17
N GLY A 71 -7.57 20.18 -10.83
CA GLY A 71 -6.32 20.38 -10.13
C GLY A 71 -6.14 21.88 -9.96
N PRO A 72 -5.11 22.33 -9.23
CA PRO A 72 -4.09 21.51 -8.56
C PRO A 72 -4.56 21.03 -7.19
N GLN A 73 -3.76 20.16 -6.57
CA GLN A 73 -4.07 19.68 -5.23
C GLN A 73 -3.49 20.76 -4.32
N PRO A 74 -4.20 21.09 -3.23
CA PRO A 74 -3.72 22.12 -2.29
C PRO A 74 -2.50 21.72 -1.48
N PRO A 75 -1.68 22.70 -1.08
CA PRO A 75 -0.49 22.36 -0.29
C PRO A 75 -0.94 21.88 1.09
N ALA A 76 -0.02 21.29 1.84
CA ALA A 76 -0.35 20.75 3.15
C ALA A 76 0.45 21.43 4.26
N LYS A 77 -0.12 21.47 5.46
CA LYS A 77 0.59 22.11 6.56
C LYS A 77 1.22 21.08 7.49
N ASN A 78 0.73 19.84 7.43
CA ASN A 78 1.21 18.78 8.30
C ASN A 78 1.63 17.50 7.58
N MET A 79 2.35 17.62 6.48
CA MET A 79 2.77 16.42 5.75
C MET A 79 4.19 16.00 6.10
N LYS A 80 4.31 14.88 6.79
CA LYS A 80 5.63 14.37 7.19
C LYS A 80 5.98 13.15 6.37
N ASN A 81 7.28 12.92 6.15
CA ASN A 81 7.71 11.76 5.39
C ASN A 81 7.37 10.49 6.13
N LEU A 82 7.20 9.42 5.39
CA LEU A 82 6.92 8.13 5.99
C LEU A 82 8.27 7.49 6.30
N VAL A 83 8.25 6.48 7.16
CA VAL A 83 9.44 5.74 7.51
C VAL A 83 9.07 4.28 7.23
N TRP A 84 10.06 3.48 6.85
CA TRP A 84 9.78 2.08 6.58
C TRP A 84 9.54 1.34 7.88
N ASN A 85 8.56 0.42 7.87
CA ASN A 85 8.25 -0.36 9.07
C ASN A 85 8.33 -1.83 8.73
N ASP A 86 9.25 -2.53 9.39
CA ASP A 86 9.43 -3.95 9.13
C ASP A 86 8.24 -4.85 9.43
N GLU A 87 7.48 -4.54 10.48
CA GLU A 87 6.31 -5.34 10.80
C GLU A 87 5.27 -5.21 9.68
N LEU A 88 5.01 -3.97 9.27
CA LEU A 88 4.04 -3.74 8.19
C LEU A 88 4.48 -4.50 6.95
N ALA A 89 5.77 -4.41 6.64
CA ALA A 89 6.35 -5.10 5.49
C ALA A 89 6.16 -6.61 5.59
N TYR A 90 6.35 -7.15 6.79
CA TYR A 90 6.19 -8.58 7.01
C TYR A 90 4.75 -9.02 6.75
N VAL A 91 3.79 -8.34 7.36
CA VAL A 91 2.38 -8.67 7.18
C VAL A 91 1.97 -8.47 5.72
N ALA A 92 2.51 -7.44 5.09
CA ALA A 92 2.20 -7.18 3.69
C ALA A 92 2.73 -8.34 2.85
N GLN A 93 3.95 -8.79 3.17
CA GLN A 93 4.58 -9.88 2.45
C GLN A 93 3.85 -11.21 2.63
N VAL A 94 3.36 -11.49 3.84
CA VAL A 94 2.64 -12.72 4.08
C VAL A 94 1.39 -12.70 3.18
N TRP A 95 0.77 -11.54 3.06
CA TRP A 95 -0.42 -11.43 2.22
C TRP A 95 -0.03 -11.62 0.76
N ALA A 96 1.04 -10.95 0.34
CA ALA A 96 1.51 -11.04 -1.03
C ALA A 96 1.79 -12.49 -1.39
N ASN A 97 2.32 -13.25 -0.43
CA ASN A 97 2.66 -14.65 -0.67
C ASN A 97 1.47 -15.57 -0.91
N GLN A 98 0.25 -15.03 -0.89
CA GLN A 98 -0.91 -15.86 -1.13
C GLN A 98 -1.33 -15.74 -2.60
N CYS A 99 -0.78 -14.73 -3.28
CA CYS A 99 -1.08 -14.49 -4.69
C CYS A 99 -2.57 -14.36 -4.95
N GLN A 100 -3.27 -13.71 -4.03
CA GLN A 100 -4.71 -13.51 -4.14
C GLN A 100 -4.98 -12.01 -4.19
N TYR A 101 -4.89 -11.43 -5.39
CA TYR A 101 -5.10 -10.01 -5.59
C TYR A 101 -6.34 -9.45 -4.89
N GLY A 102 -6.12 -8.42 -4.08
CA GLY A 102 -7.21 -7.81 -3.34
C GLY A 102 -6.74 -7.52 -1.93
N HIS A 103 -7.66 -7.13 -1.05
CA HIS A 103 -7.31 -6.83 0.34
C HIS A 103 -7.52 -8.03 1.24
N ASP A 104 -6.63 -8.21 2.21
CA ASP A 104 -6.80 -9.30 3.15
C ASP A 104 -7.77 -8.72 4.19
N THR A 105 -8.46 -9.55 4.94
CA THR A 105 -9.58 -9.15 5.82
C THR A 105 -9.00 -8.44 7.04
N CYS A 106 -7.99 -8.92 7.73
CA CYS A 106 -7.51 -8.32 8.98
C CYS A 106 -5.99 -8.25 8.95
N ARG A 107 -5.45 -7.03 8.95
CA ARG A 107 -3.99 -6.87 8.90
C ARG A 107 -3.45 -5.91 9.97
N ASP A 108 -4.32 -5.47 10.87
CA ASP A 108 -3.92 -4.54 11.93
C ASP A 108 -2.79 -5.08 12.80
N VAL A 109 -1.98 -4.17 13.36
CA VAL A 109 -0.90 -4.61 14.23
C VAL A 109 -1.22 -4.19 15.65
N ALA A 110 -0.32 -4.50 16.59
CA ALA A 110 -0.55 -4.16 17.99
C ALA A 110 -0.63 -2.66 18.25
N LYS A 111 0.07 -1.87 17.45
CA LYS A 111 0.10 -0.42 17.64
C LYS A 111 -1.06 0.38 17.06
N TYR A 112 -1.65 -0.08 15.95
CA TYR A 112 -2.74 0.67 15.34
C TYR A 112 -3.42 -0.09 14.21
N GLN A 113 -4.51 0.49 13.69
CA GLN A 113 -5.21 -0.12 12.56
C GLN A 113 -4.30 0.16 11.37
N VAL A 114 -4.34 -0.72 10.38
CA VAL A 114 -3.47 -0.61 9.22
C VAL A 114 -4.19 -0.55 7.89
N GLY A 115 -3.75 0.38 7.04
CA GLY A 115 -4.33 0.57 5.72
C GLY A 115 -3.53 -0.22 4.70
N GLN A 116 -3.96 -0.20 3.44
CA GLN A 116 -3.26 -0.99 2.45
C GLN A 116 -3.57 -0.63 1.01
N ASN A 117 -2.53 -0.68 0.19
CA ASN A 117 -2.64 -0.44 -1.24
C ASN A 117 -2.07 -1.67 -1.92
N VAL A 118 -2.73 -2.14 -2.97
CA VAL A 118 -2.24 -3.27 -3.71
C VAL A 118 -2.14 -2.88 -5.19
N ALA A 119 -1.17 -3.47 -5.87
CA ALA A 119 -0.95 -3.21 -7.28
C ALA A 119 -0.58 -4.52 -7.96
N LEU A 120 -1.06 -4.69 -9.19
CA LEU A 120 -0.76 -5.91 -9.94
C LEU A 120 -0.76 -5.60 -11.43
N THR A 121 0.16 -6.22 -12.16
CA THR A 121 0.22 -6.07 -13.60
C THR A 121 0.62 -7.43 -14.17
N GLY A 122 0.06 -7.76 -15.32
CA GLY A 122 0.35 -9.02 -15.95
C GLY A 122 0.80 -8.78 -17.38
N SER A 123 1.79 -9.53 -17.83
CA SER A 123 2.34 -9.38 -19.17
C SER A 123 2.59 -10.74 -19.79
N THR A 124 2.44 -10.84 -21.11
CA THR A 124 2.68 -12.10 -21.79
C THR A 124 4.19 -12.35 -21.86
N ALA A 125 4.96 -11.27 -21.73
CA ALA A 125 6.41 -11.37 -21.78
C ALA A 125 6.98 -11.62 -20.40
N ALA A 126 8.15 -12.26 -20.36
CA ALA A 126 8.83 -12.57 -19.12
C ALA A 126 9.54 -11.31 -18.62
N LYS A 127 8.74 -10.33 -18.21
CA LYS A 127 9.25 -9.06 -17.70
C LYS A 127 8.33 -8.64 -16.56
N TYR A 128 8.90 -7.94 -15.57
CA TYR A 128 8.13 -7.50 -14.42
C TYR A 128 8.41 -6.03 -14.09
N ASP A 129 7.36 -5.21 -14.02
CA ASP A 129 7.52 -3.79 -13.73
C ASP A 129 8.31 -3.54 -12.45
N ASP A 130 8.92 -2.36 -12.37
CA ASP A 130 9.69 -1.96 -11.20
C ASP A 130 8.67 -1.63 -10.11
N PRO A 131 9.00 -1.91 -8.84
CA PRO A 131 8.04 -1.60 -7.78
C PRO A 131 7.59 -0.14 -7.82
N VAL A 132 8.54 0.77 -8.06
CA VAL A 132 8.23 2.19 -8.12
C VAL A 132 7.19 2.48 -9.19
N LYS A 133 7.24 1.73 -10.28
CA LYS A 133 6.29 1.90 -11.37
C LYS A 133 4.88 1.56 -10.91
N LEU A 134 4.75 0.50 -10.11
CA LEU A 134 3.45 0.11 -9.59
C LEU A 134 2.95 1.17 -8.62
N VAL A 135 3.86 1.73 -7.82
CA VAL A 135 3.48 2.78 -6.88
C VAL A 135 2.95 3.99 -7.63
N LYS A 136 3.59 4.33 -8.75
CA LYS A 136 3.15 5.48 -9.52
C LYS A 136 1.74 5.30 -10.05
N MET A 137 1.30 4.04 -10.18
CA MET A 137 -0.05 3.76 -10.65
C MET A 137 -1.03 4.33 -9.62
N TRP A 138 -0.70 4.17 -8.35
CA TRP A 138 -1.56 4.69 -7.29
C TRP A 138 -1.54 6.21 -7.33
N GLU A 139 -0.36 6.79 -7.52
CA GLU A 139 -0.23 8.24 -7.58
C GLU A 139 -1.09 8.89 -8.66
N ASP A 140 -1.08 8.29 -9.84
CA ASP A 140 -1.82 8.81 -10.99
C ASP A 140 -3.33 8.93 -10.77
N GLU A 141 -3.83 8.30 -9.72
CA GLU A 141 -5.26 8.38 -9.43
C GLU A 141 -5.60 9.82 -9.06
N VAL A 142 -4.58 10.60 -8.72
CA VAL A 142 -4.77 11.99 -8.32
C VAL A 142 -5.48 12.81 -9.41
N LYS A 143 -5.36 12.37 -10.65
CA LYS A 143 -5.99 13.06 -11.77
C LYS A 143 -7.51 13.07 -11.58
N ASP A 144 -8.02 12.08 -10.87
CA ASP A 144 -9.46 11.98 -10.63
C ASP A 144 -9.89 12.47 -9.26
N TYR A 145 -8.96 13.06 -8.50
CA TYR A 145 -9.31 13.55 -7.18
C TYR A 145 -9.69 15.01 -7.18
N ASN A 146 -10.86 15.31 -6.63
CA ASN A 146 -11.38 16.67 -6.55
C ASN A 146 -11.19 17.23 -5.16
N PRO A 147 -10.16 18.08 -4.97
CA PRO A 147 -9.88 18.67 -3.66
C PRO A 147 -10.92 19.69 -3.19
N LYS A 148 -11.79 20.14 -4.09
CA LYS A 148 -12.82 21.09 -3.71
C LYS A 148 -13.84 20.37 -2.84
N LYS A 149 -13.72 19.04 -2.80
CA LYS A 149 -14.59 18.19 -2.01
C LYS A 149 -13.73 17.48 -0.98
N LYS A 150 -14.33 17.14 0.15
CA LYS A 150 -13.60 16.45 1.20
C LYS A 150 -13.34 15.02 0.75
N PHE A 151 -12.61 14.27 1.57
CA PHE A 151 -12.29 12.89 1.26
C PHE A 151 -13.52 12.03 0.96
N SER A 152 -14.50 12.03 1.86
CA SER A 152 -15.70 11.21 1.67
C SER A 152 -16.49 11.59 0.42
N GLY A 153 -16.32 12.82 -0.04
CA GLY A 153 -17.04 13.28 -1.22
C GLY A 153 -16.44 12.84 -2.53
N ASN A 154 -15.27 12.22 -2.48
CA ASN A 154 -14.61 11.75 -3.69
C ASN A 154 -14.92 10.30 -4.03
N ASP A 155 -14.53 9.89 -5.23
CA ASP A 155 -14.77 8.53 -5.69
C ASP A 155 -13.66 7.61 -5.19
N PHE A 156 -14.00 6.80 -4.19
CA PHE A 156 -13.03 5.89 -3.59
C PHE A 156 -12.44 4.87 -4.56
N LEU A 157 -13.29 4.29 -5.41
CA LEU A 157 -12.83 3.30 -6.37
C LEU A 157 -11.74 3.84 -7.29
N LYS A 158 -11.80 5.13 -7.59
CA LYS A 158 -10.81 5.74 -8.48
C LYS A 158 -9.64 6.41 -7.76
N THR A 159 -9.83 6.80 -6.51
CA THR A 159 -8.76 7.50 -5.80
C THR A 159 -8.32 6.93 -4.46
N GLY A 160 -8.88 5.79 -4.07
CA GLY A 160 -8.54 5.17 -2.79
C GLY A 160 -7.07 4.88 -2.52
N HIS A 161 -6.29 4.67 -3.56
CA HIS A 161 -4.87 4.38 -3.41
C HIS A 161 -4.15 5.71 -3.19
N TYR A 162 -4.52 6.71 -4.01
CA TYR A 162 -3.93 8.03 -3.90
C TYR A 162 -4.14 8.61 -2.50
N THR A 163 -5.36 8.57 -2.01
CA THR A 163 -5.65 9.13 -0.70
C THR A 163 -4.88 8.49 0.44
N GLN A 164 -4.61 7.19 0.35
CA GLN A 164 -3.83 6.51 1.40
C GLN A 164 -2.37 6.94 1.32
N MET A 165 -1.89 7.22 0.11
CA MET A 165 -0.51 7.66 -0.06
C MET A 165 -0.25 9.02 0.58
N VAL A 166 -1.19 9.95 0.44
CA VAL A 166 -1.04 11.29 0.99
C VAL A 166 -1.76 11.54 2.31
N TRP A 167 -2.14 10.48 3.01
CA TRP A 167 -2.83 10.63 4.29
C TRP A 167 -1.83 11.17 5.30
N ALA A 168 -2.06 12.39 5.77
CA ALA A 168 -1.14 13.02 6.71
C ALA A 168 -0.90 12.23 8.00
N ASN A 169 -1.95 11.65 8.57
CA ASN A 169 -1.85 10.87 9.82
C ASN A 169 -1.08 9.56 9.67
N THR A 170 -0.93 9.08 8.44
CA THR A 170 -0.17 7.84 8.22
C THR A 170 1.31 8.21 8.35
N LYS A 171 2.06 7.43 9.12
CA LYS A 171 3.47 7.73 9.37
C LYS A 171 4.44 6.64 8.97
N GLU A 172 3.91 5.44 8.77
CA GLU A 172 4.76 4.31 8.43
C GLU A 172 4.22 3.49 7.28
N VAL A 173 5.13 2.89 6.52
CA VAL A 173 4.76 2.04 5.40
C VAL A 173 5.71 0.84 5.33
N GLY A 174 5.18 -0.29 4.90
CA GLY A 174 5.96 -1.50 4.76
C GLY A 174 5.30 -2.29 3.66
N CYS A 175 6.09 -2.79 2.71
CA CYS A 175 5.49 -3.52 1.60
C CYS A 175 6.04 -4.91 1.39
N GLY A 176 5.27 -5.71 0.64
CA GLY A 176 5.64 -7.06 0.30
C GLY A 176 5.52 -7.19 -1.20
N SER A 177 6.27 -8.11 -1.79
CA SER A 177 6.22 -8.29 -3.23
C SER A 177 6.39 -9.73 -3.67
N ILE A 178 5.86 -10.05 -4.85
CA ILE A 178 6.01 -11.39 -5.38
C ILE A 178 5.78 -11.36 -6.88
N LYS A 179 6.57 -12.15 -7.60
CA LYS A 179 6.47 -12.25 -9.05
C LYS A 179 6.13 -13.70 -9.31
N TYR A 180 5.07 -13.94 -10.08
CA TYR A 180 4.67 -15.31 -10.37
C TYR A 180 4.13 -15.41 -11.79
N ILE A 181 3.96 -16.65 -12.24
CA ILE A 181 3.46 -16.89 -13.59
C ILE A 181 2.17 -17.68 -13.41
N GLN A 182 1.09 -17.15 -13.96
CA GLN A 182 -0.23 -17.78 -13.86
C GLN A 182 -0.84 -17.85 -15.25
N GLU A 183 -1.11 -19.06 -15.73
CA GLU A 183 -1.71 -19.22 -17.05
C GLU A 183 -1.01 -18.36 -18.09
N LYS A 184 0.32 -18.47 -18.10
CA LYS A 184 1.21 -17.74 -19.00
C LYS A 184 1.27 -16.22 -18.86
N TRP A 185 0.68 -15.70 -17.80
CA TRP A 185 0.76 -14.27 -17.56
C TRP A 185 1.85 -14.11 -16.53
N HIS A 186 2.82 -13.25 -16.81
CA HIS A 186 3.93 -12.96 -15.91
C HIS A 186 3.46 -11.77 -15.09
N LYS A 187 3.18 -12.02 -13.81
CA LYS A 187 2.64 -10.99 -12.94
C LYS A 187 3.55 -10.52 -11.79
N HIS A 188 3.43 -9.24 -11.46
CA HIS A 188 4.17 -8.67 -10.35
C HIS A 188 3.12 -8.11 -9.40
N TYR A 189 3.13 -8.61 -8.17
CA TYR A 189 2.16 -8.22 -7.16
C TYR A 189 2.83 -7.46 -6.01
N LEU A 190 2.40 -6.22 -5.80
CA LEU A 190 2.95 -5.37 -4.74
C LEU A 190 1.89 -5.05 -3.70
N VAL A 191 2.21 -5.31 -2.43
CA VAL A 191 1.30 -5.01 -1.34
C VAL A 191 1.98 -4.06 -0.36
N CYS A 192 1.35 -2.93 -0.09
CA CYS A 192 1.92 -1.98 0.86
C CYS A 192 0.93 -1.69 1.98
N ASN A 193 1.38 -1.89 3.21
CA ASN A 193 0.53 -1.66 4.40
C ASN A 193 0.98 -0.34 5.01
N TYR A 194 0.00 0.42 5.51
CA TYR A 194 0.24 1.74 6.07
C TYR A 194 -0.21 1.92 7.52
N GLY A 195 0.63 2.57 8.32
CA GLY A 195 0.28 2.75 9.73
C GLY A 195 0.53 4.15 10.29
N PRO A 196 -0.47 4.72 10.98
CA PRO A 196 -1.76 4.08 11.19
C PRO A 196 -2.51 4.18 9.88
N SER A 197 -3.64 3.50 9.78
CA SER A 197 -4.40 3.51 8.55
C SER A 197 -4.95 4.87 8.13
N GLY A 198 -5.21 5.01 6.84
CA GLY A 198 -5.78 6.23 6.32
C GLY A 198 -7.15 5.86 5.77
N ASN A 199 -7.71 6.74 4.95
CA ASN A 199 -9.01 6.51 4.32
C ASN A 199 -10.20 6.35 5.25
N PHE A 200 -10.20 7.13 6.33
CA PHE A 200 -11.31 7.12 7.28
C PHE A 200 -12.36 8.09 6.74
N LYS A 201 -13.56 7.56 6.49
CA LYS A 201 -14.69 8.30 5.95
C LYS A 201 -14.92 9.76 6.36
N ASN A 202 -15.00 10.03 7.65
CA ASN A 202 -15.24 11.40 8.10
C ASN A 202 -14.01 12.25 8.37
N GLU A 203 -12.91 11.95 7.70
CA GLU A 203 -11.68 12.71 7.89
C GLU A 203 -11.17 13.32 6.59
N GLU A 204 -10.22 14.25 6.71
CA GLU A 204 -9.62 14.88 5.55
C GLU A 204 -8.29 14.20 5.27
N LEU A 205 -7.78 14.34 4.05
CA LEU A 205 -6.50 13.71 3.69
C LEU A 205 -5.39 14.32 4.52
N TYR A 206 -5.33 15.65 4.51
CA TYR A 206 -4.33 16.40 5.23
C TYR A 206 -4.83 17.81 5.51
N GLN A 207 -4.22 18.46 6.50
CA GLN A 207 -4.61 19.83 6.84
C GLN A 207 -4.10 20.72 5.71
N THR A 208 -5.00 21.41 5.02
CA THR A 208 -4.54 22.28 3.93
C THR A 208 -3.95 23.57 4.44
N LYS A 209 -3.03 24.12 3.65
CA LYS A 209 -2.33 25.35 3.97
C LYS A 209 -2.88 26.52 3.17
#